data_6S2W
#
_entry.id   6S2W
#
_cell.length_a   71.845
_cell.length_b   123.847
_cell.length_c   68.144
_cell.angle_alpha   90.000
_cell.angle_beta   90.000
_cell.angle_gamma   90.000
#
_symmetry.space_group_name_H-M   'C 2 2 21'
#
loop_
_entity.id
_entity.type
_entity.pdbx_description
1 polymer 'Enhancer of rudimentary-like protein'
2 non-polymer 1,2-ETHANEDIOL
3 non-polymer 2-AMINO-2-HYDROXYMETHYL-PROPANE-1,3-DIOL
4 non-polymer 'ACETIC ACID'
5 non-polymer 'SULFATE ION'
6 water water
#
_entity_poly.entity_id   1
_entity_poly.type   'polypeptide(L)'
_entity_poly.pdbx_seq_one_letter_code
;GPLGSMSPPPAESHIILLIQQGSDPKTRIWSDHCSLRSAIEYIVGVYQTNQAVSEKESIDVSRFFNFFDEIYDCVPLVYD
RHFRAYIPHEKQWLLHHAQEYLTAARQIP
;
_entity_poly.pdbx_strand_id   A,B,C
#
loop_
_chem_comp.id
_chem_comp.type
_chem_comp.name
_chem_comp.formula
ACY non-polymer 'ACETIC ACID' 'C2 H4 O2'
EDO non-polymer 1,2-ETHANEDIOL 'C2 H6 O2'
SO4 non-polymer 'SULFATE ION' 'O4 S -2'
TRS non-polymer 2-AMINO-2-HYDROXYMETHYL-PROPANE-1,3-DIOL 'C4 H12 N O3 1'
#
# COMPACT_ATOMS: atom_id res chain seq x y z
N ALA A 11 23.12 -21.22 -8.78
CA ALA A 11 23.20 -22.65 -8.51
C ALA A 11 21.92 -23.26 -7.91
N GLU A 12 21.80 -23.33 -6.57
CA GLU A 12 20.68 -23.95 -5.86
C GLU A 12 19.25 -23.55 -6.27
N SER A 13 18.89 -22.25 -6.16
CA SER A 13 17.53 -21.70 -6.37
C SER A 13 16.80 -22.18 -7.63
N HIS A 14 15.70 -22.91 -7.45
CA HIS A 14 14.88 -23.43 -8.56
C HIS A 14 14.52 -22.33 -9.57
N ILE A 15 14.06 -21.16 -9.06
CA ILE A 15 13.73 -20.03 -9.95
C ILE A 15 14.39 -18.75 -9.49
N ILE A 16 14.94 -18.00 -10.45
CA ILE A 16 15.42 -16.65 -10.20
C ILE A 16 14.43 -15.78 -10.98
N LEU A 17 13.77 -14.84 -10.29
N LEU A 17 13.77 -14.86 -10.29
CA LEU A 17 12.84 -13.92 -10.93
CA LEU A 17 12.85 -13.93 -10.96
C LEU A 17 13.50 -12.56 -11.14
C LEU A 17 13.51 -12.57 -11.17
N LEU A 18 13.39 -12.00 -12.35
CA LEU A 18 13.97 -10.67 -12.64
C LEU A 18 12.82 -9.75 -12.91
N ILE A 19 12.65 -8.72 -12.08
CA ILE A 19 11.58 -7.76 -12.26
C ILE A 19 12.14 -6.36 -12.52
N GLN A 20 11.30 -5.51 -13.09
CA GLN A 20 11.60 -4.10 -13.35
C GLN A 20 10.29 -3.35 -13.55
N GLN A 21 10.34 -2.06 -13.29
CA GLN A 21 9.22 -1.15 -13.49
C GLN A 21 9.75 -0.11 -14.46
N GLY A 22 9.35 -0.25 -15.72
CA GLY A 22 9.81 0.60 -16.81
C GLY A 22 11.30 0.45 -17.12
N SER A 23 11.97 1.58 -17.41
CA SER A 23 13.39 1.57 -17.77
C SER A 23 14.31 2.02 -16.61
N ASP A 24 13.76 2.18 -15.39
CA ASP A 24 14.50 2.63 -14.21
C ASP A 24 15.40 1.49 -13.68
N PRO A 25 16.77 1.63 -13.78
CA PRO A 25 17.65 0.55 -13.28
C PRO A 25 17.54 0.25 -11.79
N LYS A 26 17.07 1.19 -11.00
CA LYS A 26 16.85 1.06 -9.57
C LYS A 26 15.68 0.13 -9.23
N THR A 27 14.79 -0.13 -10.21
CA THR A 27 13.64 -1.03 -10.01
C THR A 27 13.97 -2.47 -10.43
N ARG A 28 15.21 -2.71 -10.90
CA ARG A 28 15.62 -4.05 -11.33
C ARG A 28 15.97 -4.94 -10.11
N ILE A 29 14.94 -5.58 -9.60
CA ILE A 29 15.01 -6.41 -8.40
C ILE A 29 14.95 -7.86 -8.74
N TRP A 30 15.86 -8.67 -8.18
CA TRP A 30 15.83 -10.08 -8.37
C TRP A 30 15.44 -10.78 -7.09
N SER A 31 14.86 -11.96 -7.22
CA SER A 31 14.46 -12.77 -6.07
C SER A 31 14.65 -14.25 -6.39
N ASP A 32 14.98 -15.04 -5.37
CA ASP A 32 15.14 -16.47 -5.60
C ASP A 32 13.98 -17.24 -4.98
N HIS A 33 13.53 -18.30 -5.69
CA HIS A 33 12.36 -19.11 -5.34
C HIS A 33 12.64 -20.60 -5.40
N CYS A 34 12.18 -21.35 -4.39
N CYS A 34 12.18 -21.34 -4.39
CA CYS A 34 12.34 -22.79 -4.27
CA CYS A 34 12.33 -22.81 -4.28
C CYS A 34 11.35 -23.58 -5.14
C CYS A 34 11.39 -23.56 -5.22
N SER A 35 10.35 -22.88 -5.74
CA SER A 35 9.31 -23.52 -6.57
C SER A 35 8.61 -22.53 -7.47
N LEU A 36 7.85 -23.02 -8.46
CA LEU A 36 7.05 -22.15 -9.33
C LEU A 36 5.93 -21.46 -8.49
N ARG A 37 5.36 -22.17 -7.52
CA ARG A 37 4.34 -21.65 -6.62
C ARG A 37 4.87 -20.39 -5.90
N SER A 38 6.07 -20.49 -5.30
CA SER A 38 6.75 -19.38 -4.61
C SER A 38 6.97 -18.20 -5.61
N ALA A 39 7.40 -18.49 -6.87
CA ALA A 39 7.56 -17.42 -7.88
C ALA A 39 6.21 -16.76 -8.21
N ILE A 40 5.14 -17.53 -8.29
CA ILE A 40 3.80 -17.04 -8.58
C ILE A 40 3.26 -16.16 -7.41
N GLU A 41 3.48 -16.62 -6.16
CA GLU A 41 3.04 -15.89 -4.98
C GLU A 41 3.79 -14.56 -4.88
N TYR A 42 5.05 -14.54 -5.35
CA TYR A 42 5.82 -13.31 -5.35
C TYR A 42 5.22 -12.27 -6.33
N ILE A 43 4.94 -12.66 -7.59
CA ILE A 43 4.39 -11.70 -8.56
C ILE A 43 2.97 -11.30 -8.25
N VAL A 44 2.18 -12.18 -7.58
CA VAL A 44 0.82 -11.84 -7.13
C VAL A 44 0.98 -10.78 -6.01
N GLY A 45 1.99 -10.98 -5.14
CA GLY A 45 2.36 -10.05 -4.07
C GLY A 45 2.69 -8.66 -4.61
N VAL A 46 3.50 -8.61 -5.71
CA VAL A 46 3.90 -7.36 -6.39
C VAL A 46 2.64 -6.68 -6.90
N TYR A 47 1.81 -7.44 -7.60
CA TYR A 47 0.53 -6.94 -8.12
C TYR A 47 -0.38 -6.38 -6.96
N GLN A 48 -0.57 -7.16 -5.88
CA GLN A 48 -1.44 -6.80 -4.74
C GLN A 48 -1.05 -5.51 -3.97
N THR A 49 0.26 -5.32 -3.78
CA THR A 49 0.86 -4.20 -3.08
C THR A 49 1.01 -2.96 -3.98
N ASN A 50 0.72 -3.07 -5.29
CA ASN A 50 0.86 -1.97 -6.25
C ASN A 50 -0.45 -1.59 -6.92
N GLN A 51 -1.59 -1.98 -6.31
CA GLN A 51 -2.93 -1.66 -6.80
C GLN A 51 -3.37 -0.28 -6.33
N ASP A 60 -8.66 -9.77 -10.74
CA ASP A 60 -9.05 -9.94 -12.13
C ASP A 60 -7.87 -10.38 -12.99
N VAL A 61 -8.12 -11.37 -13.89
CA VAL A 61 -7.12 -11.95 -14.81
C VAL A 61 -6.63 -10.88 -15.81
N SER A 62 -7.56 -10.15 -16.45
CA SER A 62 -7.27 -9.11 -17.44
C SER A 62 -6.41 -7.99 -16.86
N ARG A 63 -6.73 -7.56 -15.61
CA ARG A 63 -6.01 -6.52 -14.88
C ARG A 63 -4.63 -6.99 -14.47
N PHE A 64 -4.51 -8.29 -14.11
CA PHE A 64 -3.24 -8.88 -13.68
C PHE A 64 -2.26 -8.93 -14.86
N PHE A 65 -2.71 -9.46 -16.01
CA PHE A 65 -1.94 -9.58 -17.25
C PHE A 65 -1.48 -8.21 -17.76
N ASN A 66 -2.40 -7.21 -17.81
CA ASN A 66 -2.11 -5.83 -18.24
C ASN A 66 -1.11 -5.13 -17.31
N PHE A 67 -1.19 -5.38 -15.99
CA PHE A 67 -0.23 -4.84 -15.00
C PHE A 67 1.20 -5.28 -15.36
N PHE A 68 1.38 -6.57 -15.70
CA PHE A 68 2.66 -7.14 -16.07
C PHE A 68 3.01 -6.94 -17.56
N ASP A 69 2.17 -6.24 -18.33
CA ASP A 69 2.47 -5.92 -19.72
C ASP A 69 2.76 -4.40 -19.87
N GLU A 70 2.25 -3.58 -18.94
CA GLU A 70 2.40 -2.13 -19.01
C GLU A 70 3.12 -1.47 -17.83
N ILE A 71 2.92 -1.98 -16.60
CA ILE A 71 3.48 -1.33 -15.41
C ILE A 71 4.81 -1.98 -15.00
N TYR A 72 4.80 -3.30 -14.77
CA TYR A 72 6.03 -4.03 -14.47
C TYR A 72 6.32 -5.00 -15.60
N ASP A 73 7.57 -5.44 -15.70
CA ASP A 73 8.01 -6.46 -16.62
C ASP A 73 8.72 -7.47 -15.75
N CYS A 74 8.62 -8.76 -16.11
N CYS A 74 8.62 -8.75 -16.11
CA CYS A 74 9.20 -9.85 -15.34
CA CYS A 74 9.25 -9.82 -15.34
C CYS A 74 9.71 -10.97 -16.25
C CYS A 74 9.72 -10.98 -16.23
N VAL A 75 10.82 -11.62 -15.86
CA VAL A 75 11.37 -12.75 -16.60
C VAL A 75 11.82 -13.81 -15.61
N PRO A 76 11.29 -15.04 -15.71
CA PRO A 76 11.78 -16.12 -14.85
C PRO A 76 12.97 -16.87 -15.49
N LEU A 77 13.95 -17.23 -14.67
CA LEU A 77 15.10 -18.03 -15.04
C LEU A 77 14.92 -19.32 -14.26
N VAL A 78 14.68 -20.45 -14.96
CA VAL A 78 14.38 -21.72 -14.31
C VAL A 78 15.61 -22.63 -14.33
N TYR A 79 16.04 -23.06 -13.16
CA TYR A 79 17.18 -23.93 -13.00
C TYR A 79 16.94 -25.34 -13.53
N ASP A 80 17.78 -25.77 -14.46
CA ASP A 80 17.75 -27.10 -15.03
C ASP A 80 18.84 -27.86 -14.25
N ARG A 81 18.42 -28.64 -13.25
CA ARG A 81 19.32 -29.40 -12.38
C ARG A 81 20.23 -30.37 -13.17
N HIS A 82 19.70 -31.14 -14.11
CA HIS A 82 20.53 -32.08 -14.87
C HIS A 82 21.66 -31.38 -15.61
N PHE A 83 21.37 -30.25 -16.31
CA PHE A 83 22.39 -29.55 -17.10
C PHE A 83 23.11 -28.40 -16.35
N ARG A 84 22.81 -28.23 -15.04
CA ARG A 84 23.33 -27.18 -14.13
C ARG A 84 23.31 -25.79 -14.77
N ALA A 85 22.15 -25.41 -15.33
CA ALA A 85 22.00 -24.17 -16.06
C ALA A 85 20.63 -23.54 -15.82
N TYR A 86 20.60 -22.21 -15.95
CA TYR A 86 19.39 -21.43 -15.86
C TYR A 86 18.83 -21.18 -17.24
N ILE A 87 17.57 -21.54 -17.41
CA ILE A 87 16.86 -21.44 -18.67
C ILE A 87 15.91 -20.27 -18.58
N PRO A 88 16.10 -19.26 -19.44
CA PRO A 88 15.15 -18.14 -19.42
C PRO A 88 13.84 -18.56 -20.08
N HIS A 89 12.72 -18.18 -19.48
CA HIS A 89 11.39 -18.45 -20.04
C HIS A 89 10.71 -17.13 -20.30
N GLU A 90 9.74 -17.14 -21.20
CA GLU A 90 8.98 -15.95 -21.55
C GLU A 90 8.09 -15.49 -20.36
N LYS A 91 7.78 -14.20 -20.32
CA LYS A 91 6.91 -13.64 -19.28
C LYS A 91 5.55 -14.33 -19.31
N GLN A 92 4.99 -14.58 -20.52
CA GLN A 92 3.68 -15.24 -20.72
C GLN A 92 3.63 -16.63 -20.10
N TRP A 93 4.77 -17.33 -20.07
CA TRP A 93 4.89 -18.67 -19.46
C TRP A 93 4.55 -18.60 -17.95
N LEU A 94 5.14 -17.63 -17.25
CA LEU A 94 4.93 -17.45 -15.81
C LEU A 94 3.54 -16.92 -15.53
N LEU A 95 3.07 -15.98 -16.37
CA LEU A 95 1.75 -15.35 -16.28
C LEU A 95 0.65 -16.40 -16.49
N HIS A 96 0.85 -17.34 -17.46
CA HIS A 96 -0.08 -18.44 -17.73
C HIS A 96 -0.15 -19.38 -16.53
N HIS A 97 1.00 -19.73 -15.94
CA HIS A 97 1.03 -20.56 -14.73
C HIS A 97 0.36 -19.84 -13.55
N ALA A 98 0.57 -18.50 -13.42
CA ALA A 98 -0.05 -17.68 -12.37
C ALA A 98 -1.59 -17.70 -12.50
N GLN A 99 -2.11 -17.64 -13.75
CA GLN A 99 -3.53 -17.70 -14.10
C GLN A 99 -4.12 -19.01 -13.55
N GLU A 100 -3.39 -20.14 -13.71
CA GLU A 100 -3.79 -21.45 -13.19
C GLU A 100 -3.83 -21.49 -11.63
N TYR A 101 -3.00 -20.65 -10.94
CA TYR A 101 -2.98 -20.53 -9.47
C TYR A 101 -4.15 -19.69 -8.98
N LEU A 102 -4.39 -18.53 -9.63
CA LEU A 102 -5.45 -17.57 -9.28
C LEU A 102 -6.87 -18.11 -9.52
N THR A 103 -7.05 -18.97 -10.53
CA THR A 103 -8.36 -19.55 -10.86
C THR A 103 -8.71 -20.67 -9.89
N ALA A 104 -7.71 -21.45 -9.45
CA ALA A 104 -7.87 -22.53 -8.48
C ALA A 104 -8.13 -21.94 -7.08
N ALA A 105 -7.34 -20.93 -6.68
CA ALA A 105 -7.50 -20.24 -5.39
C ALA A 105 -8.48 -19.07 -5.50
N PRO B 2 -33.38 18.12 2.13
CA PRO B 2 -33.87 17.46 0.92
C PRO B 2 -32.78 17.07 -0.07
N LEU B 3 -32.10 18.05 -0.72
CA LEU B 3 -31.03 17.77 -1.69
C LEU B 3 -29.75 17.25 -1.03
N GLY B 4 -29.64 17.46 0.28
CA GLY B 4 -28.56 16.94 1.12
C GLY B 4 -28.83 15.50 1.52
N SER B 5 -30.14 15.10 1.52
CA SER B 5 -30.61 13.73 1.84
C SER B 5 -30.50 12.80 0.61
N MET B 6 -30.62 13.39 -0.60
CA MET B 6 -30.49 12.69 -1.89
C MET B 6 -29.01 12.47 -2.20
N SER B 7 -28.11 13.20 -1.50
CA SER B 7 -26.66 13.06 -1.68
C SER B 7 -26.19 11.68 -1.20
N PRO B 8 -25.49 10.90 -2.05
CA PRO B 8 -25.03 9.57 -1.61
C PRO B 8 -24.13 9.61 -0.37
N PRO B 9 -24.07 8.53 0.47
CA PRO B 9 -23.15 8.56 1.61
C PRO B 9 -21.71 8.66 1.12
N PRO B 10 -20.87 9.58 1.70
CA PRO B 10 -19.47 9.71 1.23
C PRO B 10 -18.75 8.37 1.06
N ALA B 11 -18.19 8.13 -0.15
CA ALA B 11 -17.52 6.87 -0.51
C ALA B 11 -16.18 6.71 0.24
N GLU B 12 -16.11 5.70 1.11
CA GLU B 12 -14.92 5.45 1.92
C GLU B 12 -14.52 4.00 1.82
N SER B 13 -13.21 3.74 1.64
CA SER B 13 -12.68 2.38 1.55
CA SER B 13 -12.72 2.37 1.53
C SER B 13 -12.93 1.63 2.86
N HIS B 14 -13.39 0.37 2.78
CA HIS B 14 -13.67 -0.46 3.96
C HIS B 14 -12.49 -0.51 4.94
N ILE B 15 -11.28 -0.69 4.41
CA ILE B 15 -10.04 -0.76 5.21
C ILE B 15 -8.96 0.14 4.64
N ILE B 16 -8.35 0.88 5.55
CA ILE B 16 -7.15 1.67 5.26
C ILE B 16 -6.06 1.00 6.10
N LEU B 17 -5.01 0.52 5.42
N LEU B 17 -5.01 0.57 5.43
CA LEU B 17 -3.87 -0.08 6.11
CA LEU B 17 -3.89 -0.08 6.08
C LEU B 17 -2.76 0.92 6.21
C LEU B 17 -2.71 0.85 6.18
N LEU B 18 -2.17 1.02 7.38
CA LEU B 18 -1.03 1.90 7.65
C LEU B 18 0.11 0.99 7.97
N ILE B 19 1.14 0.98 7.11
CA ILE B 19 2.32 0.15 7.34
C ILE B 19 3.53 1.05 7.53
N GLN B 20 4.57 0.46 8.12
CA GLN B 20 5.80 1.14 8.46
C GLN B 20 6.90 0.07 8.60
N GLN B 21 8.13 0.46 8.33
CA GLN B 21 9.31 -0.41 8.50
C GLN B 21 10.34 0.39 9.33
N GLY B 22 10.30 0.20 10.64
CA GLY B 22 11.19 0.86 11.59
C GLY B 22 10.69 2.20 12.07
N SER B 23 11.55 3.24 12.02
CA SER B 23 11.24 4.61 12.43
C SER B 23 11.32 5.61 11.25
N ASP B 24 11.80 5.12 10.08
CA ASP B 24 11.95 5.85 8.83
C ASP B 24 10.56 6.36 8.32
N PRO B 25 10.35 7.71 8.19
CA PRO B 25 9.06 8.22 7.67
C PRO B 25 8.79 7.86 6.21
N LYS B 26 9.85 7.55 5.44
CA LYS B 26 9.77 7.16 4.03
C LYS B 26 9.11 5.78 3.82
N THR B 27 9.13 4.92 4.87
CA THR B 27 8.52 3.58 4.83
C THR B 27 7.03 3.62 5.25
N ARG B 28 6.51 4.81 5.67
CA ARG B 28 5.10 4.91 6.11
C ARG B 28 4.17 4.88 4.89
N ILE B 29 3.73 3.70 4.50
CA ILE B 29 2.88 3.55 3.33
C ILE B 29 1.45 3.20 3.68
N TRP B 30 0.49 3.83 3.03
CA TRP B 30 -0.89 3.50 3.25
C TRP B 30 -1.52 2.85 2.01
N SER B 31 -2.57 2.06 2.23
CA SER B 31 -3.28 1.40 1.14
C SER B 31 -4.79 1.30 1.43
N ASP B 32 -5.60 1.30 0.39
CA ASP B 32 -7.06 1.18 0.48
C ASP B 32 -7.45 -0.26 0.12
N HIS B 33 -8.45 -0.81 0.84
CA HIS B 33 -8.92 -2.19 0.65
C HIS B 33 -10.45 -2.26 0.75
N CYS B 34 -11.06 -2.95 -0.21
CA CYS B 34 -12.52 -3.05 -0.27
C CYS B 34 -13.06 -4.10 0.68
N SER B 35 -12.16 -4.89 1.28
CA SER B 35 -12.53 -5.98 2.19
C SER B 35 -11.36 -6.41 3.05
N LEU B 36 -11.66 -7.25 4.08
CA LEU B 36 -10.69 -7.89 4.97
C LEU B 36 -9.75 -8.80 4.10
N ARG B 37 -10.34 -9.54 3.14
CA ARG B 37 -9.63 -10.43 2.20
C ARG B 37 -8.56 -9.66 1.42
N SER B 38 -8.92 -8.46 0.88
CA SER B 38 -8.02 -7.59 0.14
C SER B 38 -6.87 -7.13 1.07
N ALA B 39 -7.20 -6.73 2.35
CA ALA B 39 -6.16 -6.27 3.30
C ALA B 39 -5.18 -7.39 3.65
N ILE B 40 -5.69 -8.63 3.85
CA ILE B 40 -4.87 -9.83 4.11
C ILE B 40 -3.95 -10.11 2.91
N GLU B 41 -4.50 -10.12 1.69
CA GLU B 41 -3.73 -10.38 0.46
C GLU B 41 -2.60 -9.37 0.30
N TYR B 42 -2.85 -8.12 0.71
CA TYR B 42 -1.84 -7.08 0.70
C TYR B 42 -0.71 -7.41 1.70
N ILE B 43 -1.02 -7.75 2.97
CA ILE B 43 0.08 -7.98 3.93
C ILE B 43 0.82 -9.29 3.65
N VAL B 44 0.16 -10.29 3.02
CA VAL B 44 0.78 -11.55 2.58
C VAL B 44 1.76 -11.18 1.42
N GLY B 45 1.33 -10.26 0.54
CA GLY B 45 2.14 -9.70 -0.54
C GLY B 45 3.40 -8.98 -0.05
N VAL B 46 3.26 -8.12 0.98
CA VAL B 46 4.40 -7.39 1.63
C VAL B 46 5.39 -8.43 2.17
N TYR B 47 4.87 -9.44 2.87
CA TYR B 47 5.70 -10.51 3.41
C TYR B 47 6.45 -11.29 2.32
N GLN B 48 5.73 -11.80 1.31
CA GLN B 48 6.27 -12.64 0.22
C GLN B 48 7.26 -11.91 -0.70
N THR B 49 7.11 -10.58 -0.89
CA THR B 49 8.03 -9.77 -1.69
C THR B 49 9.21 -9.25 -0.88
N ASN B 50 9.21 -9.49 0.45
CA ASN B 50 10.29 -9.03 1.31
C ASN B 50 10.90 -10.17 2.16
N GLN B 51 10.99 -11.39 1.57
CA GLN B 51 11.56 -12.58 2.23
C GLN B 51 12.80 -13.09 1.49
N ASP B 60 5.46 -20.01 6.42
CA ASP B 60 5.69 -20.31 7.83
C ASP B 60 4.96 -19.28 8.68
N VAL B 61 4.01 -19.75 9.53
CA VAL B 61 3.17 -18.92 10.39
C VAL B 61 4.01 -18.11 11.39
N SER B 62 4.93 -18.77 12.11
CA SER B 62 5.81 -18.15 13.10
C SER B 62 6.60 -16.96 12.51
N ARG B 63 7.24 -17.18 11.34
CA ARG B 63 8.02 -16.20 10.60
C ARG B 63 7.17 -15.06 10.09
N PHE B 64 5.93 -15.37 9.68
CA PHE B 64 4.96 -14.37 9.20
C PHE B 64 4.63 -13.37 10.33
N PHE B 65 4.28 -13.89 11.51
CA PHE B 65 3.98 -13.11 12.72
C PHE B 65 5.23 -12.35 13.19
N ASN B 66 6.38 -13.03 13.22
CA ASN B 66 7.64 -12.39 13.62
C ASN B 66 7.98 -11.20 12.71
N PHE B 67 7.78 -11.35 11.39
CA PHE B 67 8.01 -10.32 10.37
C PHE B 67 7.19 -9.07 10.70
N PHE B 68 5.90 -9.25 11.08
CA PHE B 68 5.00 -8.14 11.40
C PHE B 68 5.09 -7.68 12.87
N ASP B 69 6.01 -8.25 13.65
CA ASP B 69 6.23 -7.83 15.04
C ASP B 69 7.62 -7.20 15.22
N GLU B 70 8.55 -7.38 14.25
CA GLU B 70 9.93 -6.89 14.33
C GLU B 70 10.45 -6.10 13.11
N ILE B 71 10.10 -6.51 11.89
CA ILE B 71 10.59 -5.82 10.68
C ILE B 71 9.59 -4.74 10.26
N TYR B 72 8.33 -5.12 10.02
CA TYR B 72 7.25 -4.18 9.68
C TYR B 72 6.25 -4.10 10.82
N ASP B 73 5.51 -2.99 10.86
CA ASP B 73 4.42 -2.81 11.79
C ASP B 73 3.25 -2.43 10.93
N CYS B 74 2.04 -2.79 11.37
N CYS B 74 2.04 -2.79 11.34
CA CYS B 74 0.83 -2.51 10.62
CA CYS B 74 0.84 -2.47 10.57
C CYS B 74 -0.34 -2.15 11.52
C CYS B 74 -0.37 -2.19 11.46
N VAL B 75 -1.18 -1.22 11.06
CA VAL B 75 -2.40 -0.81 11.79
C VAL B 75 -3.56 -0.77 10.81
N PRO B 76 -4.56 -1.66 10.98
CA PRO B 76 -5.77 -1.58 10.14
C PRO B 76 -6.79 -0.59 10.70
N LEU B 77 -7.33 0.29 9.84
CA LEU B 77 -8.39 1.23 10.16
C LEU B 77 -9.63 0.70 9.42
N VAL B 78 -10.65 0.29 10.18
CA VAL B 78 -11.84 -0.29 9.58
C VAL B 78 -13.00 0.73 9.56
N TYR B 79 -13.56 0.98 8.37
CA TYR B 79 -14.65 1.94 8.23
C TYR B 79 -15.99 1.42 8.80
N ASP B 80 -16.53 2.16 9.75
CA ASP B 80 -17.82 1.78 10.32
C ASP B 80 -18.82 2.65 9.52
N ARG B 81 -19.60 2.03 8.62
CA ARG B 81 -20.54 2.75 7.75
C ARG B 81 -21.65 3.46 8.52
N HIS B 82 -22.19 2.84 9.57
CA HIS B 82 -23.29 3.48 10.31
C HIS B 82 -22.87 4.77 11.01
N PHE B 83 -21.69 4.77 11.65
CA PHE B 83 -21.18 5.92 12.40
C PHE B 83 -20.26 6.82 11.58
N ARG B 84 -20.03 6.45 10.30
CA ARG B 84 -19.18 7.12 9.30
C ARG B 84 -17.82 7.50 9.86
N ALA B 85 -17.14 6.51 10.44
CA ALA B 85 -15.87 6.74 11.11
C ALA B 85 -14.95 5.55 10.92
N TYR B 86 -13.65 5.80 10.94
CA TYR B 86 -12.60 4.77 10.87
C TYR B 86 -12.23 4.39 12.28
N ILE B 87 -12.34 3.10 12.55
CA ILE B 87 -12.04 2.54 13.85
C ILE B 87 -10.71 1.78 13.74
N PRO B 88 -9.67 2.16 14.51
CA PRO B 88 -8.42 1.40 14.46
C PRO B 88 -8.64 0.05 15.16
N HIS B 89 -8.13 -1.01 14.57
CA HIS B 89 -8.27 -2.36 15.14
C HIS B 89 -6.88 -2.86 15.42
N GLU B 90 -6.77 -3.86 16.29
CA GLU B 90 -5.48 -4.43 16.69
C GLU B 90 -4.75 -5.12 15.54
N LYS B 91 -3.43 -4.96 15.48
CA LYS B 91 -2.57 -5.63 14.49
C LYS B 91 -2.79 -7.15 14.60
N GLN B 92 -2.88 -7.67 15.87
CA GLN B 92 -3.12 -9.08 16.17
C GLN B 92 -4.43 -9.59 15.57
N TRP B 93 -5.45 -8.73 15.45
CA TRP B 93 -6.74 -9.07 14.83
C TRP B 93 -6.50 -9.37 13.35
N LEU B 94 -5.84 -8.43 12.62
CA LEU B 94 -5.47 -8.61 11.22
C LEU B 94 -4.57 -9.83 11.01
N LEU B 95 -3.51 -9.97 11.84
CA LEU B 95 -2.56 -11.09 11.76
C LEU B 95 -3.26 -12.44 11.99
N HIS B 96 -4.17 -12.51 12.98
CA HIS B 96 -4.96 -13.73 13.26
C HIS B 96 -5.89 -14.09 12.09
N HIS B 97 -6.50 -13.08 11.42
CA HIS B 97 -7.34 -13.31 10.24
C HIS B 97 -6.52 -13.71 9.02
N ALA B 98 -5.26 -13.21 8.93
CA ALA B 98 -4.32 -13.55 7.86
C ALA B 98 -3.82 -15.00 8.02
N GLN B 99 -3.77 -15.50 9.27
CA GLN B 99 -3.35 -16.86 9.62
C GLN B 99 -4.44 -17.85 9.14
N GLU B 100 -5.73 -17.56 9.46
CA GLU B 100 -6.93 -18.30 9.04
C GLU B 100 -6.95 -18.46 7.52
N TYR B 101 -6.64 -17.37 6.76
CA TYR B 101 -6.56 -17.34 5.30
C TYR B 101 -5.44 -18.24 4.79
N LEU B 102 -4.25 -18.19 5.43
CA LEU B 102 -3.08 -18.98 5.05
C LEU B 102 -3.23 -20.48 5.36
N THR B 103 -4.19 -20.83 6.24
CA THR B 103 -4.48 -22.22 6.61
C THR B 103 -5.60 -22.79 5.74
N MET C 6 4.21 4.07 16.13
CA MET C 6 3.22 3.00 16.02
C MET C 6 3.42 1.91 17.10
N SER C 7 2.31 1.54 17.74
CA SER C 7 2.25 0.56 18.83
C SER C 7 2.43 -0.88 18.34
N GLU C 12 -2.98 7.48 20.11
CA GLU C 12 -3.62 7.93 18.88
C GLU C 12 -3.32 9.40 18.51
N SER C 13 -2.53 9.60 17.42
CA SER C 13 -2.17 10.96 16.93
C SER C 13 -3.44 11.68 16.49
N HIS C 14 -3.57 12.95 16.87
CA HIS C 14 -4.78 13.70 16.55
C HIS C 14 -5.09 13.70 15.04
N ILE C 15 -4.09 13.88 14.17
CA ILE C 15 -4.34 13.86 12.73
C ILE C 15 -3.49 12.82 12.00
N ILE C 16 -4.12 12.08 11.12
CA ILE C 16 -3.38 11.18 10.23
C ILE C 16 -3.57 11.80 8.87
N LEU C 17 -2.46 12.16 8.26
CA LEU C 17 -2.48 12.69 6.92
C LEU C 17 -2.15 11.58 5.94
N LEU C 18 -3.02 11.36 4.95
CA LEU C 18 -2.76 10.37 3.90
C LEU C 18 -2.47 11.13 2.64
N ILE C 19 -1.21 11.14 2.20
CA ILE C 19 -0.98 11.87 0.97
C ILE C 19 -0.48 10.92 -0.12
N GLN C 20 -0.68 11.32 -1.37
CA GLN C 20 -0.17 10.61 -2.53
C GLN C 20 0.21 11.70 -3.53
N GLN C 21 1.47 11.74 -3.93
CA GLN C 21 1.91 12.82 -4.83
C GLN C 21 1.76 12.50 -6.31
N GLY C 22 1.83 11.22 -6.65
CA GLY C 22 1.66 10.77 -8.03
C GLY C 22 0.72 9.58 -8.12
N SER C 23 0.36 9.16 -9.36
CA SER C 23 -0.53 8.02 -9.60
C SER C 23 0.04 6.71 -9.07
N ASP C 24 1.37 6.63 -8.97
CA ASP C 24 2.08 5.47 -8.45
C ASP C 24 1.72 5.26 -6.96
N PRO C 25 1.13 4.08 -6.60
CA PRO C 25 0.76 3.83 -5.20
C PRO C 25 1.93 3.77 -4.20
N LYS C 26 3.18 3.83 -4.69
CA LYS C 26 4.38 3.82 -3.86
C LYS C 26 4.63 5.22 -3.29
N THR C 27 3.90 6.24 -3.82
CA THR C 27 3.96 7.60 -3.31
C THR C 27 2.90 7.82 -2.20
N ARG C 28 2.13 6.76 -1.82
CA ARG C 28 1.11 6.81 -0.76
C ARG C 28 1.78 6.84 0.60
N ILE C 29 2.10 8.04 1.08
CA ILE C 29 2.79 8.22 2.35
C ILE C 29 1.86 8.78 3.42
N TRP C 30 1.89 8.18 4.59
CA TRP C 30 1.06 8.69 5.67
C TRP C 30 1.97 9.29 6.75
N SER C 31 1.40 10.17 7.57
CA SER C 31 2.14 10.84 8.66
C SER C 31 1.17 11.25 9.79
N ASP C 32 1.73 11.31 10.99
CA ASP C 32 1.07 11.67 12.26
C ASP C 32 1.30 13.12 12.60
N HIS C 33 0.26 13.81 13.11
CA HIS C 33 0.39 15.20 13.52
C HIS C 33 -0.40 15.47 14.78
N CYS C 34 0.17 16.25 15.71
N CYS C 34 0.18 16.24 15.71
CA CYS C 34 -0.43 16.62 16.98
CA CYS C 34 -0.43 16.60 16.99
C CYS C 34 -1.65 17.54 16.83
C CYS C 34 -1.65 17.53 16.83
N SER C 35 -1.71 18.28 15.71
CA SER C 35 -2.77 19.24 15.44
C SER C 35 -2.95 19.50 13.96
N LEU C 36 -4.06 20.15 13.62
CA LEU C 36 -4.44 20.53 12.27
C LEU C 36 -3.40 21.53 11.71
N ARG C 37 -2.98 22.50 12.53
CA ARG C 37 -1.97 23.52 12.22
C ARG C 37 -0.63 22.88 11.88
N SER C 38 -0.16 21.90 12.68
CA SER C 38 1.09 21.21 12.36
C SER C 38 0.97 20.34 11.07
N ALA C 39 -0.25 19.80 10.76
CA ALA C 39 -0.49 19.06 9.51
C ALA C 39 -0.33 20.00 8.29
N ILE C 40 -0.86 21.25 8.40
CA ILE C 40 -0.74 22.30 7.37
C ILE C 40 0.75 22.66 7.19
N GLU C 41 1.49 22.82 8.30
CA GLU C 41 2.92 23.14 8.29
C GLU C 41 3.70 22.05 7.55
N TYR C 42 3.33 20.75 7.73
CA TYR C 42 3.95 19.62 7.04
C TYR C 42 3.71 19.75 5.52
N ILE C 43 2.45 20.05 5.10
CA ILE C 43 2.12 20.26 3.67
C ILE C 43 2.90 21.46 3.11
N VAL C 44 2.96 22.58 3.84
CA VAL C 44 3.75 23.76 3.44
C VAL C 44 5.22 23.30 3.21
N GLY C 45 5.72 22.47 4.14
CA GLY C 45 7.07 21.88 4.09
C GLY C 45 7.30 21.00 2.87
N VAL C 46 6.29 20.17 2.50
CA VAL C 46 6.29 19.33 1.30
C VAL C 46 6.43 20.21 0.05
N TYR C 47 5.65 21.31 -0.02
CA TYR C 47 5.70 22.28 -1.12
C TYR C 47 7.11 22.87 -1.28
N GLN C 48 7.73 23.27 -0.15
CA GLN C 48 9.07 23.87 -0.11
C GLN C 48 10.15 22.84 -0.49
N THR C 49 10.02 21.59 -0.02
CA THR C 49 10.98 20.51 -0.31
C THR C 49 10.73 19.90 -1.71
N ASN C 50 9.75 20.44 -2.45
CA ASN C 50 9.39 20.03 -3.81
C ASN C 50 9.99 21.04 -4.79
N GLN C 51 9.86 22.36 -4.49
CA GLN C 51 10.37 23.46 -5.30
C GLN C 51 10.85 24.65 -4.45
N ALA C 52 12.19 24.85 -4.40
CA ALA C 52 12.91 25.91 -3.68
C ALA C 52 12.42 26.14 -2.23
N ILE C 59 7.10 33.20 0.07
CA ILE C 59 6.09 32.14 0.00
C ILE C 59 4.85 32.60 -0.81
N ASP C 60 4.88 32.37 -2.13
CA ASP C 60 3.81 32.72 -3.06
C ASP C 60 2.58 31.87 -2.72
N VAL C 61 1.56 32.52 -2.11
CA VAL C 61 0.31 31.90 -1.63
C VAL C 61 -0.45 31.23 -2.77
N SER C 62 -0.52 31.91 -3.92
CA SER C 62 -1.16 31.45 -5.15
C SER C 62 -0.53 30.12 -5.62
N ARG C 63 0.83 30.05 -5.61
CA ARG C 63 1.64 28.89 -6.00
C ARG C 63 1.45 27.72 -5.05
N PHE C 64 1.42 27.98 -3.71
CA PHE C 64 1.21 26.92 -2.71
C PHE C 64 -0.15 26.25 -2.92
N PHE C 65 -1.23 27.05 -3.11
CA PHE C 65 -2.56 26.51 -3.31
C PHE C 65 -2.74 25.86 -4.68
N ASN C 66 -1.93 26.26 -5.68
CA ASN C 66 -1.97 25.60 -7.00
C ASN C 66 -1.36 24.20 -6.83
N PHE C 67 -0.25 24.12 -6.05
CA PHE C 67 0.44 22.87 -5.70
C PHE C 67 -0.53 21.99 -4.90
N PHE C 68 -1.18 22.57 -3.87
CA PHE C 68 -2.13 21.87 -3.02
C PHE C 68 -3.24 21.26 -3.88
N ASP C 69 -3.77 22.05 -4.85
CA ASP C 69 -4.81 21.60 -5.78
C ASP C 69 -4.28 20.52 -6.74
N GLU C 70 -2.96 20.54 -7.02
CA GLU C 70 -2.26 19.61 -7.93
C GLU C 70 -2.01 18.23 -7.30
N ILE C 71 -1.92 18.15 -5.94
CA ILE C 71 -1.64 16.92 -5.19
C ILE C 71 -2.63 15.83 -5.61
N TYR C 72 -2.11 14.67 -6.07
CA TYR C 72 -2.89 13.52 -6.53
C TYR C 72 -3.95 13.15 -5.48
N ASP C 73 -3.54 13.00 -4.20
CA ASP C 73 -4.46 12.70 -3.11
C ASP C 73 -3.95 13.26 -1.78
N CYS C 74 -4.87 13.80 -0.96
CA CYS C 74 -4.54 14.34 0.36
C CYS C 74 -5.77 14.22 1.26
N VAL C 75 -5.77 13.17 2.11
CA VAL C 75 -6.89 12.89 2.98
C VAL C 75 -6.53 13.05 4.45
N PRO C 76 -7.17 13.98 5.20
CA PRO C 76 -6.93 14.02 6.64
C PRO C 76 -7.93 13.13 7.40
N LEU C 77 -7.43 12.41 8.39
CA LEU C 77 -8.22 11.62 9.33
C LEU C 77 -8.03 12.30 10.65
N VAL C 78 -9.13 12.69 11.28
CA VAL C 78 -9.09 13.50 12.49
C VAL C 78 -9.64 12.68 13.65
N TYR C 79 -8.79 12.45 14.66
CA TYR C 79 -9.20 11.67 15.81
C TYR C 79 -10.23 12.38 16.66
N ASP C 80 -11.33 11.69 16.91
CA ASP C 80 -12.39 12.12 17.83
C ASP C 80 -12.12 11.30 19.09
N ARG C 81 -11.50 11.93 20.09
CA ARG C 81 -11.13 11.25 21.34
C ARG C 81 -12.32 10.69 22.11
N HIS C 82 -13.43 11.43 22.19
CA HIS C 82 -14.58 10.94 22.95
C HIS C 82 -15.13 9.62 22.39
N PHE C 83 -15.29 9.55 21.07
CA PHE C 83 -15.82 8.36 20.39
C PHE C 83 -14.73 7.38 19.94
N ARG C 84 -13.43 7.69 20.19
CA ARG C 84 -12.24 6.87 19.87
C ARG C 84 -12.27 6.42 18.40
N ALA C 85 -12.44 7.39 17.50
CA ALA C 85 -12.64 7.12 16.10
C ALA C 85 -11.97 8.19 15.26
N TYR C 86 -11.52 7.78 14.05
CA TYR C 86 -10.97 8.72 13.08
C TYR C 86 -12.02 9.15 12.12
N ILE C 87 -12.17 10.46 11.97
CA ILE C 87 -13.14 11.03 11.04
C ILE C 87 -12.44 11.46 9.76
N PRO C 88 -12.77 10.82 8.62
CA PRO C 88 -12.12 11.23 7.35
C PRO C 88 -12.69 12.54 6.80
N HIS C 89 -11.87 13.33 6.12
CA HIS C 89 -12.38 14.55 5.46
C HIS C 89 -11.83 14.61 4.07
N GLU C 90 -12.53 15.31 3.19
CA GLU C 90 -12.05 15.49 1.82
C GLU C 90 -10.88 16.52 1.84
N LYS C 91 -10.12 16.59 0.75
CA LYS C 91 -9.00 17.52 0.57
C LYS C 91 -9.48 18.99 0.69
N GLN C 92 -10.68 19.30 0.14
CA GLN C 92 -11.31 20.64 0.21
C GLN C 92 -11.50 21.13 1.65
N TRP C 93 -11.78 20.21 2.61
CA TRP C 93 -11.90 20.51 4.02
C TRP C 93 -10.53 20.97 4.54
N LEU C 94 -9.46 20.28 4.11
CA LEU C 94 -8.10 20.62 4.51
C LEU C 94 -7.63 21.96 3.91
N LEU C 95 -7.98 22.21 2.64
CA LEU C 95 -7.67 23.44 1.89
C LEU C 95 -8.30 24.66 2.59
N HIS C 96 -9.58 24.54 2.98
CA HIS C 96 -10.30 25.62 3.66
C HIS C 96 -9.64 26.01 4.98
N HIS C 97 -9.19 25.00 5.77
CA HIS C 97 -8.43 25.24 7.01
C HIS C 97 -7.04 25.85 6.71
N ALA C 98 -6.43 25.47 5.57
CA ALA C 98 -5.13 25.99 5.15
C ALA C 98 -5.27 27.46 4.69
N GLN C 99 -6.40 27.79 4.05
CA GLN C 99 -6.71 29.16 3.60
C GLN C 99 -6.83 30.09 4.81
N GLU C 100 -7.53 29.64 5.88
CA GLU C 100 -7.72 30.39 7.13
C GLU C 100 -6.41 30.59 7.89
N TYR C 101 -5.57 29.54 7.99
CA TYR C 101 -4.28 29.57 8.69
C TYR C 101 -3.21 30.42 7.99
N LEU C 102 -3.12 30.32 6.65
CA LEU C 102 -2.08 31.04 5.92
C LEU C 102 -2.43 32.52 5.65
N THR C 103 -3.70 32.92 5.85
CA THR C 103 -4.11 34.33 5.69
C THR C 103 -4.10 35.08 7.03
C1 EDO D . 5.89 -25.76 -8.34
O1 EDO D . 5.14 -25.61 -7.14
C2 EDO D . 7.20 -26.57 -8.09
O2 EDO D . 8.22 -26.13 -9.00
C1 EDO E . -21.12 -0.83 10.39
O1 EDO E . -22.09 0.05 9.87
C2 EDO E . -20.50 -1.60 9.22
O2 EDO E . -19.70 -0.73 8.46
C1 EDO F . -17.38 -3.60 2.81
O1 EDO F . -17.84 -2.25 2.85
C2 EDO F . -18.27 -4.54 3.69
O2 EDO F . -18.06 -4.28 5.07
C1 EDO G . -1.14 -2.88 17.58
O1 EDO G . -2.54 -2.95 17.30
C2 EDO G . -0.51 -1.63 16.89
O2 EDO G . 0.40 -2.00 15.84
C TRS H . -14.43 -10.56 3.38
C1 TRS H . -14.28 -12.03 3.79
C2 TRS H . -15.23 -9.77 4.44
C3 TRS H . -15.08 -10.44 1.99
N TRS H . -13.06 -9.95 3.30
O1 TRS H . -13.25 -12.21 4.75
O2 TRS H . -14.99 -8.38 4.37
O3 TRS H . -14.28 -11.06 0.98
C ACY I . 6.00 -2.03 0.82
O ACY I . 5.05 -2.38 0.12
OXT ACY I . 6.92 -2.95 1.21
CH3 ACY I . 6.31 -0.65 1.32
C1 EDO J . -16.39 15.27 3.67
O1 EDO J . -16.07 14.07 4.38
C2 EDO J . -15.52 16.47 4.14
O2 EDO J . -16.06 17.02 5.32
S SO4 K . 3.73 17.35 14.26
O1 SO4 K . 2.58 17.57 15.13
O2 SO4 K . 3.40 17.61 12.87
O3 SO4 K . 4.81 18.26 14.64
O4 SO4 K . 4.18 15.96 14.42
#